data_6SY6
#
_entry.id   6SY6
#
_cell.length_a   96.564
_cell.length_b   96.564
_cell.length_c   119.971
_cell.angle_alpha   90.000
_cell.angle_beta   90.000
_cell.angle_gamma   120.000
#
_symmetry.space_group_name_H-M   'P 31 2 1'
#
loop_
_entity.id
_entity.type
_entity.pdbx_description
1 polymer 'Tetracycline repressor protein class B from transposon Tn10'
2 polymer 'RNA (36-MER)'
#
loop_
_entity_poly.entity_id
_entity_poly.type
_entity_poly.pdbx_seq_one_letter_code
_entity_poly.pdbx_strand_id
1 'polypeptide(L)'
;MSRLDKSKVINSALELLNEVGIEGLTTRKLAQKLGVEQPTLYWHVKNKRALLDALAIEMLDRHHTHFSPLEGESWQDFLR
NNAKSFRNALLSHRDGAKVHLGTRPTEKQYETLENQLAFLTQQGFSLENALYALSAVGHFTLGSVLEDQEHQVAKEERET
PTTDSMPPLLRQAIELFDHQGAEPAFLHGLESLIRGFEVQLTALLQIV
;
B,A
2 'polyribonucleotide' GGCGGAGAAUGUUAUGGCCUUCGGGCAGAGAAAACCGUC D
#
# COMPACT_ATOMS: atom_id res chain seq x y z
N ARG A 3 -1.28 -4.25 38.87
CA ARG A 3 -2.22 -3.40 38.17
C ARG A 3 -2.08 -3.49 36.65
N LEU A 4 -0.89 -3.16 36.15
CA LEU A 4 -0.64 -3.07 34.71
C LEU A 4 0.16 -4.28 34.25
N ASP A 5 -0.42 -5.04 33.32
CA ASP A 5 0.29 -6.12 32.66
C ASP A 5 0.29 -5.85 31.16
N LYS A 6 1.08 -6.64 30.42
CA LYS A 6 1.18 -6.43 28.98
C LYS A 6 -0.18 -6.59 28.31
N SER A 7 -0.98 -7.55 28.77
CA SER A 7 -2.29 -7.77 28.18
C SER A 7 -3.20 -6.55 28.34
N LYS A 8 -3.19 -5.92 29.51
CA LYS A 8 -4.12 -4.83 29.80
C LYS A 8 -3.82 -3.57 28.98
N VAL A 9 -2.54 -3.20 28.85
CA VAL A 9 -2.24 -1.88 28.29
C VAL A 9 -2.41 -1.86 26.77
N ILE A 10 -2.07 -2.96 26.09
CA ILE A 10 -2.26 -2.95 24.64
C ILE A 10 -3.72 -3.16 24.31
N ASN A 11 -4.43 -3.96 25.10
CA ASN A 11 -5.84 -4.19 24.86
C ASN A 11 -6.61 -2.88 24.87
N SER A 12 -6.30 -2.00 25.84
CA SER A 12 -6.93 -0.68 25.82
C SER A 12 -6.36 0.16 24.68
N ALA A 13 -5.06 0.02 24.40
CA ALA A 13 -4.47 0.73 23.26
C ALA A 13 -5.15 0.32 21.96
N LEU A 14 -5.48 -0.97 21.81
CA LEU A 14 -6.25 -1.38 20.64
C LEU A 14 -7.58 -0.66 20.57
N GLU A 15 -8.24 -0.50 21.72
CA GLU A 15 -9.52 0.20 21.74
C GLU A 15 -9.37 1.69 21.46
N LEU A 16 -8.31 2.32 21.98
CA LEU A 16 -8.12 3.76 21.75
C LEU A 16 -7.66 4.04 20.32
N LEU A 17 -6.96 3.10 19.71
CA LEU A 17 -6.64 3.23 18.28
C LEU A 17 -7.91 3.38 17.46
N ASN A 18 -8.96 2.65 17.83
CA ASN A 18 -10.25 2.80 17.15
C ASN A 18 -10.88 4.14 17.46
N GLU A 19 -10.68 4.68 18.67
CA GLU A 19 -11.37 5.90 19.06
C GLU A 19 -10.77 7.13 18.40
N VAL A 20 -9.45 7.11 18.14
CA VAL A 20 -8.71 8.32 17.82
C VAL A 20 -8.03 8.23 16.44
N GLY A 21 -7.52 7.07 16.08
CA GLY A 21 -6.79 6.94 14.85
C GLY A 21 -5.28 7.00 15.06
N ILE A 22 -4.54 6.54 14.05
CA ILE A 22 -3.09 6.41 14.17
C ILE A 22 -2.44 7.77 14.39
N GLU A 23 -2.83 8.78 13.59
CA GLU A 23 -2.16 10.07 13.68
C GLU A 23 -2.47 10.78 14.98
N GLY A 24 -3.74 10.75 15.40
CA GLY A 24 -4.11 11.39 16.65
C GLY A 24 -3.64 10.67 17.88
N LEU A 25 -3.26 9.39 17.75
CA LEU A 25 -2.87 8.57 18.89
C LEU A 25 -1.66 9.15 19.61
N THR A 26 -1.74 9.19 20.94
CA THR A 26 -0.68 9.72 21.80
C THR A 26 -0.50 8.80 22.99
N THR A 27 0.75 8.62 23.42
CA THR A 27 1.00 7.81 24.62
C THR A 27 0.38 8.44 25.85
N ARG A 28 0.22 9.78 25.86
CA ARG A 28 -0.35 10.45 27.00
C ARG A 28 -1.83 10.12 27.16
N LYS A 29 -2.58 10.12 26.06
CA LYS A 29 -3.98 9.74 26.14
C LYS A 29 -4.14 8.30 26.59
N LEU A 30 -3.20 7.43 26.19
CA LEU A 30 -3.23 6.06 26.69
C LEU A 30 -3.01 6.00 28.19
N ALA A 31 -2.02 6.75 28.68
CA ALA A 31 -1.76 6.78 30.13
C ALA A 31 -2.99 7.23 30.90
N GLN A 32 -3.64 8.29 30.45
CA GLN A 32 -4.85 8.76 31.09
C GLN A 32 -5.96 7.73 30.98
N LYS A 33 -6.01 7.01 29.87
CA LYS A 33 -7.00 5.95 29.70
C LYS A 33 -6.80 4.85 30.72
N LEU A 34 -5.55 4.55 31.07
CA LEU A 34 -5.24 3.55 32.08
C LEU A 34 -5.23 4.10 33.49
N GLY A 35 -5.45 5.39 33.67
CA GLY A 35 -5.46 5.97 35.00
C GLY A 35 -4.11 5.95 35.67
N VAL A 36 -3.04 6.17 34.91
CA VAL A 36 -1.67 6.09 35.42
C VAL A 36 -0.89 7.32 34.99
N GLU A 37 0.20 7.58 35.71
CA GLU A 37 1.12 8.62 35.28
C GLU A 37 2.00 8.06 34.16
N GLN A 38 2.53 8.96 33.34
CA GLN A 38 3.34 8.54 32.21
C GLN A 38 4.70 7.97 32.58
N PRO A 39 5.45 8.56 33.53
CA PRO A 39 6.76 7.96 33.88
C PRO A 39 6.66 6.51 34.29
N THR A 40 5.51 6.10 34.84
CA THR A 40 5.29 4.69 35.16
C THR A 40 5.04 3.86 33.91
N LEU A 41 4.21 4.38 32.99
CA LEU A 41 3.85 3.62 31.80
C LEU A 41 5.03 3.41 30.86
N TYR A 42 6.09 4.23 30.99
CA TYR A 42 7.25 4.09 30.12
C TYR A 42 7.90 2.72 30.26
N TRP A 43 7.73 2.07 31.41
CA TRP A 43 8.30 0.75 31.63
C TRP A 43 7.67 -0.31 30.71
N HIS A 44 6.50 -0.05 30.16
CA HIS A 44 5.82 -0.95 29.24
C HIS A 44 6.03 -0.54 27.79
N VAL A 45 5.74 0.71 27.44
CA VAL A 45 5.93 1.23 26.10
C VAL A 45 6.89 2.42 26.20
N LYS A 46 8.00 2.35 25.46
CA LYS A 46 9.02 3.37 25.60
C LYS A 46 8.58 4.67 24.94
N ASN A 47 7.93 4.58 23.79
CA ASN A 47 7.44 5.75 23.06
C ASN A 47 6.31 5.29 22.12
N LYS A 48 5.79 6.26 21.36
CA LYS A 48 4.68 5.98 20.45
C LYS A 48 5.05 4.93 19.43
N ARG A 49 6.28 5.01 18.88
CA ARG A 49 6.64 4.12 17.79
C ARG A 49 6.66 2.67 18.24
N ALA A 50 7.26 2.41 19.41
CA ALA A 50 7.25 1.06 19.96
C ALA A 50 5.83 0.56 20.18
N LEU A 51 4.92 1.44 20.60
CA LEU A 51 3.54 1.02 20.80
C LEU A 51 2.90 0.59 19.48
N LEU A 52 3.21 1.28 18.39
CA LEU A 52 2.68 0.88 17.09
C LEU A 52 3.20 -0.49 16.69
N ASP A 53 4.48 -0.77 16.95
CA ASP A 53 5.03 -2.10 16.69
C ASP A 53 4.27 -3.16 17.47
N ALA A 54 4.03 -2.91 18.76
CA ALA A 54 3.31 -3.86 19.59
C ALA A 54 1.89 -4.09 19.05
N LEU A 55 1.24 -3.01 18.60
CA LEU A 55 -0.10 -3.18 18.04
C LEU A 55 -0.05 -3.98 16.75
N ALA A 56 0.95 -3.73 15.90
CA ALA A 56 1.07 -4.47 14.65
C ALA A 56 1.25 -5.97 14.93
N ILE A 57 2.18 -6.29 15.83
CA ILE A 57 2.42 -7.68 16.18
C ILE A 57 1.15 -8.32 16.72
N GLU A 58 0.38 -7.56 17.51
CA GLU A 58 -0.76 -8.12 18.21
C GLU A 58 -1.97 -8.30 17.30
N MET A 59 -2.13 -7.43 16.30
CA MET A 59 -3.21 -7.62 15.32
C MET A 59 -2.95 -8.82 14.41
N LEU A 60 -1.69 -9.07 14.07
CA LEU A 60 -1.37 -10.24 13.28
C LEU A 60 -1.53 -11.53 14.08
N ASP A 61 -1.08 -11.54 15.34
CA ASP A 61 -1.18 -12.73 16.16
C ASP A 61 -2.62 -13.16 16.37
N ARG A 62 -3.55 -12.20 16.45
CA ARG A 62 -4.93 -12.52 16.78
C ARG A 62 -5.75 -12.94 15.56
N HIS A 63 -5.53 -12.32 14.40
CA HIS A 63 -6.42 -12.50 13.26
C HIS A 63 -5.78 -13.15 12.04
N HIS A 64 -4.46 -13.04 11.88
CA HIS A 64 -3.78 -13.67 10.75
C HIS A 64 -3.53 -15.14 11.10
N THR A 65 -4.63 -15.89 11.13
CA THR A 65 -4.64 -17.27 11.60
C THR A 65 -4.48 -18.30 10.48
N HIS A 66 -4.45 -17.87 9.22
CA HIS A 66 -4.30 -18.78 8.09
C HIS A 66 -2.99 -18.49 7.35
N PHE A 67 -1.92 -18.23 8.11
CA PHE A 67 -0.61 -18.03 7.52
C PHE A 67 0.03 -19.34 7.07
N SER A 68 -0.52 -20.47 7.46
CA SER A 68 0.02 -21.77 7.10
C SER A 68 -1.03 -22.59 6.38
N PRO A 69 -0.66 -23.36 5.36
CA PRO A 69 -1.64 -24.16 4.63
C PRO A 69 -2.15 -25.31 5.49
N LEU A 70 -3.47 -25.42 5.60
CA LEU A 70 -4.07 -26.55 6.28
C LEU A 70 -3.75 -27.82 5.50
N GLU A 71 -2.92 -28.68 6.06
CA GLU A 71 -2.40 -29.83 5.32
C GLU A 71 -3.52 -30.56 4.58
N GLY A 72 -3.25 -30.87 3.32
CA GLY A 72 -4.31 -31.25 2.41
C GLY A 72 -5.01 -30.06 1.80
N GLU A 73 -4.25 -29.03 1.41
CA GLU A 73 -4.77 -27.84 0.77
C GLU A 73 -3.94 -27.52 -0.46
N SER A 74 -4.59 -27.08 -1.54
CA SER A 74 -3.89 -26.67 -2.73
C SER A 74 -3.13 -25.37 -2.46
N TRP A 75 -2.08 -25.14 -3.26
CA TRP A 75 -1.36 -23.86 -3.19
C TRP A 75 -2.28 -22.69 -3.53
N GLN A 76 -3.22 -22.88 -4.47
CA GLN A 76 -4.21 -21.83 -4.75
C GLN A 76 -4.97 -21.44 -3.48
N ASP A 77 -5.65 -22.41 -2.86
CA ASP A 77 -6.46 -22.10 -1.68
C ASP A 77 -5.61 -21.53 -0.54
N PHE A 78 -4.35 -21.95 -0.43
CA PHE A 78 -3.48 -21.36 0.57
C PHE A 78 -3.28 -19.87 0.31
N LEU A 79 -2.92 -19.51 -0.92
CA LEU A 79 -2.73 -18.10 -1.26
C LEU A 79 -4.01 -17.30 -1.04
N ARG A 80 -5.15 -17.88 -1.41
CA ARG A 80 -6.43 -17.23 -1.18
C ARG A 80 -6.62 -16.86 0.29
N ASN A 81 -6.66 -17.87 1.15
CA ASN A 81 -7.02 -17.65 2.54
C ASN A 81 -5.90 -17.00 3.34
N ASN A 82 -4.65 -17.14 2.91
CA ASN A 82 -3.57 -16.38 3.52
C ASN A 82 -3.82 -14.88 3.40
N ALA A 83 -4.20 -14.43 2.19
CA ALA A 83 -4.49 -13.02 2.00
C ALA A 83 -5.76 -12.62 2.75
N LYS A 84 -6.81 -13.46 2.68
CA LYS A 84 -8.05 -13.13 3.37
C LYS A 84 -7.84 -13.00 4.87
N SER A 85 -6.98 -13.85 5.45
CA SER A 85 -6.65 -13.70 6.87
C SER A 85 -5.74 -12.49 7.10
N PHE A 86 -4.76 -12.29 6.23
CA PHE A 86 -3.93 -11.09 6.31
C PHE A 86 -4.77 -9.84 6.15
N ARG A 87 -5.76 -9.86 5.26
CA ARG A 87 -6.66 -8.72 5.10
C ARG A 87 -7.45 -8.48 6.37
N ASN A 88 -8.12 -9.52 6.88
CA ASN A 88 -8.95 -9.36 8.07
C ASN A 88 -8.15 -8.89 9.27
N ALA A 89 -6.86 -9.21 9.34
CA ALA A 89 -6.01 -8.72 10.43
C ALA A 89 -5.83 -7.21 10.33
N LEU A 90 -5.62 -6.68 9.12
CA LEU A 90 -5.46 -5.25 8.96
C LEU A 90 -6.79 -4.51 9.02
N LEU A 91 -7.89 -5.21 8.84
CA LEU A 91 -9.21 -4.65 9.02
C LEU A 91 -9.70 -4.76 10.46
N SER A 92 -8.90 -5.38 11.35
CA SER A 92 -9.34 -5.61 12.72
C SER A 92 -9.54 -4.32 13.48
N HIS A 93 -8.72 -3.31 13.20
CA HIS A 93 -8.78 -2.04 13.91
C HIS A 93 -8.63 -0.90 12.92
N ARG A 94 -8.99 0.30 13.36
CA ARG A 94 -8.97 1.47 12.49
C ARG A 94 -7.55 1.81 12.08
N ASP A 95 -7.37 2.13 10.80
CA ASP A 95 -6.05 2.39 10.21
C ASP A 95 -5.10 1.22 10.44
N GLY A 96 -5.64 0.00 10.46
CA GLY A 96 -4.82 -1.17 10.73
C GLY A 96 -3.70 -1.39 9.75
N ALA A 97 -3.90 -0.99 8.49
CA ALA A 97 -2.85 -1.15 7.49
C ALA A 97 -1.67 -0.22 7.76
N LYS A 98 -1.96 0.99 8.23
CA LYS A 98 -0.89 1.95 8.49
C LYS A 98 -0.01 1.52 9.65
N VAL A 99 -0.61 1.05 10.75
CA VAL A 99 0.20 0.63 11.89
C VAL A 99 1.03 -0.59 11.52
N HIS A 100 0.46 -1.51 10.73
CA HIS A 100 1.23 -2.63 10.21
C HIS A 100 2.31 -2.16 9.24
N LEU A 101 2.01 -1.12 8.47
CA LEU A 101 3.02 -0.53 7.61
C LEU A 101 4.12 0.08 8.46
N GLY A 102 5.34 0.05 7.94
CA GLY A 102 6.43 0.68 8.65
C GLY A 102 6.92 -0.02 9.90
N THR A 103 6.59 -1.30 10.06
CA THR A 103 7.10 -2.10 11.18
C THR A 103 8.10 -3.10 10.62
N ARG A 104 9.33 -3.04 11.10
CA ARG A 104 10.30 -4.07 10.75
C ARG A 104 9.75 -5.44 11.18
N PRO A 105 9.85 -6.46 10.34
CA PRO A 105 9.31 -7.76 10.72
C PRO A 105 10.20 -8.49 11.72
N THR A 106 9.58 -9.41 12.45
CA THR A 106 10.24 -10.25 13.44
C THR A 106 10.92 -11.43 12.77
N GLU A 107 11.67 -12.22 13.56
CA GLU A 107 12.40 -13.36 13.00
C GLU A 107 11.47 -14.51 12.65
N LYS A 108 10.45 -14.75 13.47
CA LYS A 108 9.48 -15.81 13.15
C LYS A 108 8.78 -15.52 11.83
N GLN A 109 8.53 -14.24 11.54
CA GLN A 109 7.95 -13.89 10.25
C GLN A 109 8.86 -14.32 9.10
N TYR A 110 10.18 -14.15 9.27
CA TYR A 110 11.12 -14.71 8.31
C TYR A 110 10.99 -16.23 8.25
N GLU A 111 11.05 -16.88 9.41
CA GLU A 111 10.87 -18.33 9.49
C GLU A 111 9.59 -18.77 8.77
N THR A 112 8.48 -18.10 9.03
CA THR A 112 7.24 -18.45 8.34
C THR A 112 7.38 -18.26 6.84
N LEU A 113 8.19 -17.30 6.40
CA LEU A 113 8.37 -17.09 4.97
C LEU A 113 9.12 -18.25 4.33
N GLU A 114 10.16 -18.75 5.00
CA GLU A 114 10.86 -19.93 4.48
C GLU A 114 9.90 -21.11 4.33
N ASN A 115 9.07 -21.34 5.35
CA ASN A 115 8.09 -22.40 5.26
C ASN A 115 7.10 -22.12 4.13
N GLN A 116 6.66 -20.87 3.99
CA GLN A 116 5.81 -20.51 2.86
C GLN A 116 6.54 -20.74 1.54
N LEU A 117 7.81 -20.32 1.46
CA LEU A 117 8.60 -20.51 0.25
C LEU A 117 8.79 -22.00 -0.06
N ALA A 118 9.15 -22.78 0.94
CA ALA A 118 9.40 -24.20 0.72
C ALA A 118 8.14 -24.91 0.22
N PHE A 119 6.98 -24.58 0.80
CA PHE A 119 5.74 -25.23 0.42
C PHE A 119 5.44 -25.04 -1.07
N LEU A 120 5.67 -23.83 -1.58
CA LEU A 120 5.35 -23.57 -2.98
C LEU A 120 6.33 -24.28 -3.91
N THR A 121 7.61 -24.29 -3.55
CA THR A 121 8.57 -25.11 -4.28
C THR A 121 8.13 -26.57 -4.33
N GLN A 122 7.61 -27.08 -3.21
CA GLN A 122 7.14 -28.46 -3.19
C GLN A 122 6.03 -28.68 -4.21
N GLN A 123 5.21 -27.67 -4.46
CA GLN A 123 4.08 -27.79 -5.36
C GLN A 123 4.43 -27.44 -6.80
N GLY A 124 5.71 -27.34 -7.15
CA GLY A 124 6.13 -27.11 -8.51
C GLY A 124 6.65 -25.73 -8.79
N PHE A 125 6.54 -24.78 -7.86
CA PHE A 125 7.05 -23.45 -8.09
C PHE A 125 8.57 -23.42 -8.17
N SER A 126 9.09 -22.51 -8.98
CA SER A 126 10.49 -22.13 -8.89
C SER A 126 10.68 -21.15 -7.74
N LEU A 127 11.86 -21.20 -7.11
CA LEU A 127 12.13 -20.30 -6.00
C LEU A 127 11.96 -18.84 -6.42
N GLU A 128 12.41 -18.51 -7.62
CA GLU A 128 12.22 -17.16 -8.15
C GLU A 128 10.73 -16.81 -8.22
N ASN A 129 9.95 -17.65 -8.91
CA ASN A 129 8.52 -17.39 -9.05
C ASN A 129 7.79 -17.48 -7.71
N ALA A 130 8.30 -18.30 -6.78
CA ALA A 130 7.67 -18.42 -5.47
C ALA A 130 7.71 -17.09 -4.73
N LEU A 131 8.88 -16.43 -4.74
CA LEU A 131 9.02 -15.15 -4.05
C LEU A 131 8.22 -14.06 -4.77
N TYR A 132 8.29 -14.05 -6.11
CA TYR A 132 7.47 -13.09 -6.86
C TYR A 132 6.00 -13.29 -6.55
N ALA A 133 5.54 -14.55 -6.53
CA ALA A 133 4.13 -14.83 -6.27
C ALA A 133 3.72 -14.36 -4.88
N LEU A 134 4.54 -14.67 -3.86
CA LEU A 134 4.17 -14.31 -2.50
C LEU A 134 4.19 -12.81 -2.30
N SER A 135 5.16 -12.12 -2.91
CA SER A 135 5.20 -10.67 -2.81
C SER A 135 4.01 -10.03 -3.52
N ALA A 136 3.63 -10.55 -4.69
CA ALA A 136 2.56 -9.96 -5.46
C ALA A 136 1.23 -9.99 -4.70
N VAL A 137 0.86 -11.17 -4.17
CA VAL A 137 -0.39 -11.26 -3.43
C VAL A 137 -0.35 -10.39 -2.17
N GLY A 138 0.80 -10.32 -1.52
CA GLY A 138 0.91 -9.48 -0.33
C GLY A 138 0.82 -8.01 -0.66
N HIS A 139 1.54 -7.58 -1.71
CA HIS A 139 1.51 -6.18 -2.10
C HIS A 139 0.11 -5.73 -2.47
N PHE A 140 -0.60 -6.53 -3.26
CA PHE A 140 -1.95 -6.17 -3.66
C PHE A 140 -2.89 -6.14 -2.47
N THR A 141 -2.74 -7.09 -1.54
CA THR A 141 -3.58 -7.09 -0.34
C THR A 141 -3.29 -5.88 0.53
N LEU A 142 -2.02 -5.56 0.74
CA LEU A 142 -1.67 -4.39 1.54
C LEU A 142 -2.20 -3.11 0.90
N GLY A 143 -1.92 -2.93 -0.39
CA GLY A 143 -2.39 -1.74 -1.08
C GLY A 143 -3.90 -1.61 -1.06
N SER A 144 -4.61 -2.73 -1.20
CA SER A 144 -6.06 -2.69 -1.17
C SER A 144 -6.57 -2.24 0.20
N VAL A 145 -5.93 -2.73 1.27
CA VAL A 145 -6.41 -2.37 2.61
C VAL A 145 -6.08 -0.92 2.93
N LEU A 146 -4.93 -0.43 2.48
CA LEU A 146 -4.54 0.94 2.78
C LEU A 146 -5.52 1.93 2.17
N GLU A 147 -5.70 1.86 0.85
CA GLU A 147 -6.63 2.78 0.19
C GLU A 147 -8.06 2.59 0.69
N ASP A 148 -8.41 1.38 1.12
CA ASP A 148 -9.73 1.16 1.71
C ASP A 148 -9.90 1.94 3.01
N GLN A 149 -8.95 1.81 3.92
CA GLN A 149 -9.06 2.51 5.20
C GLN A 149 -8.89 4.01 5.03
N GLU A 150 -8.09 4.42 4.04
CA GLU A 150 -7.91 5.85 3.75
C GLU A 150 -9.15 6.45 3.10
N HIS A 151 -9.74 5.76 2.12
CA HIS A 151 -10.97 6.23 1.50
C HIS A 151 -12.12 6.26 2.49
N GLN A 152 -11.99 5.51 3.58
CA GLN A 152 -12.98 5.43 4.64
C GLN A 152 -12.80 6.58 5.63
N VAL A 153 -11.66 7.27 5.51
CA VAL A 153 -11.43 8.55 6.16
C VAL A 153 -12.10 9.72 5.46
N ALA A 154 -12.66 9.53 4.26
CA ALA A 154 -13.21 10.68 3.54
C ALA A 154 -14.56 11.09 4.10
N LYS A 155 -15.40 10.14 4.48
CA LYS A 155 -16.70 10.46 5.08
C LYS A 155 -16.62 10.43 6.60
N GLY A 181 -19.17 -2.25 -3.48
CA GLY A 181 -18.28 -2.26 -2.33
C GLY A 181 -16.83 -2.57 -2.69
N ALA A 182 -15.93 -2.37 -1.72
CA ALA A 182 -14.52 -2.60 -1.96
C ALA A 182 -14.08 -4.02 -1.62
N GLU A 183 -14.84 -4.73 -0.79
CA GLU A 183 -14.57 -6.15 -0.57
C GLU A 183 -14.67 -6.97 -1.87
N PRO A 184 -15.71 -6.80 -2.70
CA PRO A 184 -15.74 -7.57 -3.96
C PRO A 184 -14.60 -7.25 -4.89
N ALA A 185 -14.12 -6.01 -4.90
CA ALA A 185 -12.97 -5.66 -5.73
C ALA A 185 -11.73 -6.44 -5.30
N PHE A 186 -11.56 -6.65 -4.00
CA PHE A 186 -10.43 -7.44 -3.51
C PHE A 186 -10.55 -8.89 -3.97
N LEU A 187 -11.74 -9.48 -3.83
CA LEU A 187 -11.93 -10.89 -4.19
C LEU A 187 -11.62 -11.13 -5.67
N HIS A 188 -12.23 -10.34 -6.56
CA HIS A 188 -11.99 -10.52 -7.99
C HIS A 188 -10.55 -10.25 -8.36
N GLY A 189 -9.93 -9.26 -7.70
CA GLY A 189 -8.52 -9.00 -7.95
C GLY A 189 -7.63 -10.14 -7.48
N LEU A 190 -7.94 -10.72 -6.32
CA LEU A 190 -7.14 -11.84 -5.82
C LEU A 190 -7.20 -13.02 -6.77
N GLU A 191 -8.40 -13.34 -7.28
CA GLU A 191 -8.52 -14.45 -8.21
C GLU A 191 -7.87 -14.16 -9.55
N SER A 192 -7.69 -12.88 -9.90
CA SER A 192 -6.94 -12.55 -11.10
C SER A 192 -5.46 -12.88 -10.94
N LEU A 193 -4.95 -12.79 -9.70
CA LEU A 193 -3.57 -13.18 -9.44
C LEU A 193 -3.44 -14.70 -9.43
N ILE A 194 -4.38 -15.37 -8.76
CA ILE A 194 -4.31 -16.83 -8.61
C ILE A 194 -4.41 -17.51 -9.97
N ARG A 195 -5.48 -17.24 -10.71
CA ARG A 195 -5.64 -17.90 -12.00
C ARG A 195 -4.63 -17.39 -13.01
N GLY A 196 -3.98 -16.25 -12.74
CA GLY A 196 -2.80 -15.90 -13.49
C GLY A 196 -1.58 -16.67 -13.04
N PHE A 197 -1.50 -16.99 -11.74
CA PHE A 197 -0.43 -17.84 -11.25
C PHE A 197 -0.56 -19.24 -11.84
N GLU A 198 -1.78 -19.74 -11.99
CA GLU A 198 -2.01 -21.08 -12.53
C GLU A 198 -1.41 -21.23 -13.92
N VAL A 199 -1.79 -20.33 -14.84
CA VAL A 199 -1.34 -20.44 -16.23
C VAL A 199 0.18 -20.35 -16.33
N GLN A 200 0.81 -19.45 -15.57
CA GLN A 200 2.26 -19.32 -15.65
C GLN A 200 2.96 -20.57 -15.12
N LEU A 201 2.32 -21.30 -14.19
CA LEU A 201 2.92 -22.51 -13.65
C LEU A 201 2.89 -23.65 -14.66
N THR A 202 2.05 -23.57 -15.69
CA THR A 202 1.98 -24.59 -16.72
C THR A 202 3.28 -24.64 -17.52
N ALA A 203 4.26 -25.37 -16.99
CA ALA A 203 5.56 -25.52 -17.62
C ALA A 203 6.11 -26.92 -17.36
N ARG B 3 8.31 37.38 -8.10
CA ARG B 3 9.35 36.66 -7.38
C ARG B 3 8.85 35.24 -7.10
N LEU B 4 7.88 35.14 -6.19
CA LEU B 4 7.34 33.85 -5.79
C LEU B 4 6.07 33.58 -6.58
N ASP B 5 6.09 32.52 -7.38
CA ASP B 5 4.92 32.01 -8.09
C ASP B 5 4.70 30.57 -7.67
N LYS B 6 3.46 30.11 -7.73
CA LYS B 6 3.18 28.79 -7.18
C LYS B 6 3.79 27.67 -8.04
N SER B 7 4.33 28.00 -9.21
CA SER B 7 5.22 27.07 -9.87
C SER B 7 6.48 26.83 -9.04
N LYS B 8 7.06 27.91 -8.50
CA LYS B 8 8.29 27.77 -7.72
C LYS B 8 8.01 27.06 -6.41
N VAL B 9 6.86 27.30 -5.80
CA VAL B 9 6.59 26.74 -4.49
C VAL B 9 6.39 25.24 -4.60
N ILE B 10 5.82 24.79 -5.73
CA ILE B 10 5.64 23.35 -5.90
C ILE B 10 6.97 22.68 -6.21
N ASN B 11 7.82 23.34 -7.00
CA ASN B 11 9.13 22.79 -7.29
C ASN B 11 9.97 22.69 -6.02
N SER B 12 9.95 23.73 -5.19
CA SER B 12 10.73 23.69 -3.96
C SER B 12 10.11 22.74 -2.93
N ALA B 13 8.78 22.70 -2.84
CA ALA B 13 8.15 21.73 -1.95
C ALA B 13 8.48 20.31 -2.38
N LEU B 14 8.50 20.04 -3.68
CA LEU B 14 8.94 18.73 -4.15
C LEU B 14 10.38 18.45 -3.75
N GLU B 15 11.25 19.46 -3.87
CA GLU B 15 12.63 19.29 -3.45
C GLU B 15 12.75 19.13 -1.94
N LEU B 16 11.93 19.86 -1.18
CA LEU B 16 11.94 19.70 0.26
C LEU B 16 11.31 18.37 0.65
N LEU B 17 10.35 17.91 -0.16
CA LEU B 17 9.77 16.59 0.05
C LEU B 17 10.83 15.50 -0.09
N ASN B 18 11.75 15.65 -1.05
CA ASN B 18 12.83 14.68 -1.21
C ASN B 18 13.86 14.79 -0.09
N GLU B 19 14.16 16.00 0.38
CA GLU B 19 15.25 16.18 1.33
C GLU B 19 14.84 15.76 2.74
N VAL B 20 13.56 15.87 3.06
CA VAL B 20 13.08 15.80 4.43
C VAL B 20 12.13 14.62 4.63
N GLY B 21 11.32 14.31 3.64
CA GLY B 21 10.33 13.25 3.74
C GLY B 21 8.95 13.77 4.08
N ILE B 22 7.95 12.92 3.84
CA ILE B 22 6.56 13.34 4.04
C ILE B 22 6.31 13.72 5.49
N GLU B 23 6.84 12.94 6.43
CA GLU B 23 6.57 13.20 7.83
C GLU B 23 7.18 14.52 8.27
N GLY B 24 8.45 14.74 7.91
CA GLY B 24 9.08 15.99 8.26
C GLY B 24 8.62 17.17 7.45
N LEU B 25 8.05 16.94 6.26
CA LEU B 25 7.66 18.05 5.40
C LEU B 25 6.59 18.87 6.10
N THR B 26 6.85 20.18 6.19
CA THR B 26 5.92 21.12 6.82
C THR B 26 5.94 22.42 6.03
N THR B 27 4.78 23.08 6.00
CA THR B 27 4.69 24.37 5.31
C THR B 27 5.66 25.38 5.90
N ARG B 28 6.05 25.20 7.16
CA ARG B 28 6.98 26.13 7.78
C ARG B 28 8.37 26.01 7.15
N LYS B 29 8.86 24.78 6.99
CA LYS B 29 10.16 24.59 6.35
C LYS B 29 10.15 25.06 4.90
N LEU B 30 9.01 24.91 4.21
CA LEU B 30 8.92 25.42 2.84
C LEU B 30 9.12 26.93 2.80
N ALA B 31 8.46 27.65 3.71
CA ALA B 31 8.66 29.10 3.78
C ALA B 31 10.12 29.45 3.98
N GLN B 32 10.80 28.75 4.88
CA GLN B 32 12.22 29.01 5.10
C GLN B 32 13.05 28.69 3.86
N LYS B 33 12.66 27.66 3.10
CA LYS B 33 13.39 27.33 1.88
C LYS B 33 13.25 28.42 0.83
N LEU B 34 12.08 29.06 0.77
CA LEU B 34 11.85 30.15 -0.18
C LEU B 34 12.27 31.50 0.37
N GLY B 35 12.74 31.57 1.61
CA GLY B 35 13.15 32.83 2.19
C GLY B 35 12.01 33.78 2.45
N VAL B 36 10.84 33.27 2.85
CA VAL B 36 9.66 34.07 3.07
C VAL B 36 9.05 33.69 4.42
N GLU B 37 8.21 34.59 4.93
CA GLU B 37 7.44 34.35 6.14
C GLU B 37 6.23 33.47 5.84
N GLN B 38 5.69 32.88 6.90
CA GLN B 38 4.53 32.00 6.78
C GLN B 38 3.29 32.76 6.32
N PRO B 39 2.99 33.95 6.87
CA PRO B 39 1.81 34.69 6.37
C PRO B 39 1.87 34.95 4.88
N THR B 40 3.06 35.06 4.30
CA THR B 40 3.18 35.19 2.86
C THR B 40 2.84 33.89 2.16
N LEU B 41 3.37 32.77 2.66
CA LEU B 41 3.18 31.48 1.99
C LEU B 41 1.73 31.02 2.06
N TYR B 42 1.02 31.35 3.14
CA TYR B 42 -0.36 30.93 3.30
C TYR B 42 -1.21 31.34 2.10
N TRP B 43 -0.88 32.48 1.47
CA TRP B 43 -1.64 32.94 0.32
C TRP B 43 -1.56 31.96 -0.85
N HIS B 44 -0.54 31.11 -0.88
CA HIS B 44 -0.39 30.13 -1.96
C HIS B 44 -0.88 28.76 -1.55
N VAL B 45 -0.34 28.20 -0.47
CA VAL B 45 -0.77 26.92 0.07
C VAL B 45 -1.14 27.10 1.53
N LYS B 46 -2.37 26.74 1.89
CA LYS B 46 -2.88 27.05 3.21
C LYS B 46 -2.19 26.24 4.29
N ASN B 47 -2.17 24.92 4.14
CA ASN B 47 -1.67 24.02 5.16
C ASN B 47 -0.95 22.85 4.49
N LYS B 48 -0.46 21.92 5.32
CA LYS B 48 0.27 20.77 4.80
C LYS B 48 -0.61 19.94 3.87
N ARG B 49 -1.87 19.73 4.22
CA ARG B 49 -2.70 18.82 3.45
C ARG B 49 -2.92 19.34 2.03
N ALA B 50 -3.22 20.63 1.89
CA ALA B 50 -3.34 21.21 0.56
C ALA B 50 -2.05 21.06 -0.23
N LEU B 51 -0.91 21.19 0.45
CA LEU B 51 0.38 21.03 -0.22
C LEU B 51 0.57 19.60 -0.71
N LEU B 52 0.11 18.62 0.08
CA LEU B 52 0.25 17.24 -0.34
C LEU B 52 -0.52 16.95 -1.61
N ASP B 53 -1.76 17.46 -1.70
CA ASP B 53 -2.53 17.31 -2.93
C ASP B 53 -1.83 18.01 -4.09
N ALA B 54 -1.35 19.23 -3.87
CA ALA B 54 -0.65 19.95 -4.92
C ALA B 54 0.59 19.20 -5.37
N LEU B 55 1.34 18.62 -4.43
CA LEU B 55 2.53 17.86 -4.78
C LEU B 55 2.15 16.57 -5.50
N ALA B 56 1.10 15.90 -5.04
CA ALA B 56 0.69 14.63 -5.65
C ALA B 56 0.25 14.84 -7.09
N ILE B 57 -0.60 15.84 -7.33
CA ILE B 57 -1.14 16.07 -8.66
C ILE B 57 -0.03 16.25 -9.69
N GLU B 58 1.01 17.03 -9.36
CA GLU B 58 1.98 17.35 -10.41
C GLU B 58 2.95 16.21 -10.63
N MET B 59 3.17 15.36 -9.62
CA MET B 59 3.98 14.18 -9.86
C MET B 59 3.33 13.28 -10.90
N LEU B 60 2.00 13.19 -10.87
CA LEU B 60 1.30 12.45 -11.91
C LEU B 60 1.35 13.21 -13.24
N ASP B 61 1.18 14.54 -13.19
CA ASP B 61 1.23 15.34 -14.40
C ASP B 61 2.58 15.22 -15.10
N ARG B 62 3.66 15.04 -14.33
CA ARG B 62 4.98 15.00 -14.94
C ARG B 62 5.32 13.61 -15.47
N HIS B 63 4.92 12.56 -14.76
CA HIS B 63 5.42 11.22 -15.05
C HIS B 63 4.36 10.20 -15.43
N HIS B 64 3.11 10.37 -15.02
CA HIS B 64 2.05 9.43 -15.40
C HIS B 64 1.57 9.80 -16.81
N THR B 65 2.45 9.54 -17.77
CA THR B 65 2.27 9.97 -19.15
C THR B 65 1.63 8.91 -20.04
N HIS B 66 1.41 7.70 -19.54
CA HIS B 66 0.81 6.63 -20.30
C HIS B 66 -0.53 6.23 -19.69
N PHE B 67 -1.29 7.23 -19.24
CA PHE B 67 -2.62 6.99 -18.71
C PHE B 67 -3.63 6.69 -19.80
N SER B 68 -3.26 6.88 -21.06
CA SER B 68 -4.15 6.68 -22.19
C SER B 68 -3.60 5.62 -23.12
N PRO B 69 -4.47 4.79 -23.71
CA PRO B 69 -3.99 3.74 -24.61
C PRO B 69 -3.42 4.34 -25.89
N LEU B 70 -2.20 3.94 -26.22
CA LEU B 70 -1.59 4.38 -27.46
C LEU B 70 -2.36 3.85 -28.68
N GLU B 71 -2.36 4.66 -29.73
CA GLU B 71 -2.94 4.23 -31.00
C GLU B 71 -2.31 2.92 -31.46
N GLY B 72 -3.15 1.93 -31.75
CA GLY B 72 -2.61 0.66 -32.19
C GLY B 72 -1.88 -0.11 -31.11
N GLU B 73 -2.46 -0.18 -29.92
CA GLU B 73 -1.87 -0.91 -28.81
C GLU B 73 -2.93 -1.79 -28.17
N SER B 74 -2.50 -2.96 -27.71
CA SER B 74 -3.40 -3.91 -27.06
C SER B 74 -3.90 -3.37 -25.73
N TRP B 75 -5.07 -3.86 -25.33
CA TRP B 75 -5.57 -3.54 -23.99
C TRP B 75 -4.62 -4.09 -22.92
N GLN B 76 -3.99 -5.24 -23.17
CA GLN B 76 -2.99 -5.75 -22.25
C GLN B 76 -1.84 -4.75 -22.07
N ASP B 77 -1.19 -4.38 -23.17
CA ASP B 77 -0.05 -3.47 -23.08
C ASP B 77 -0.44 -2.15 -22.44
N PHE B 78 -1.70 -1.75 -22.59
CA PHE B 78 -2.19 -0.54 -21.94
C PHE B 78 -2.10 -0.66 -20.43
N LEU B 79 -2.62 -1.76 -19.88
CA LEU B 79 -2.60 -1.96 -18.43
C LEU B 79 -1.16 -2.05 -17.90
N ARG B 80 -0.29 -2.79 -18.59
CA ARG B 80 1.13 -2.79 -18.24
C ARG B 80 1.70 -1.38 -18.21
N ASN B 81 1.57 -0.65 -19.32
CA ASN B 81 2.19 0.66 -19.38
C ASN B 81 1.45 1.68 -18.51
N ASN B 82 0.16 1.45 -18.26
CA ASN B 82 -0.57 2.27 -17.28
C ASN B 82 0.06 2.14 -15.90
N ALA B 83 0.30 0.91 -15.45
CA ALA B 83 0.91 0.72 -14.14
C ALA B 83 2.35 1.21 -14.12
N LYS B 84 3.11 0.90 -15.17
CA LYS B 84 4.51 1.32 -15.22
C LYS B 84 4.64 2.84 -15.14
N SER B 85 3.73 3.57 -15.80
CA SER B 85 3.77 5.02 -15.67
C SER B 85 3.28 5.45 -14.30
N PHE B 86 2.20 4.84 -13.80
CA PHE B 86 1.73 5.14 -12.45
C PHE B 86 2.79 4.83 -11.41
N ARG B 87 3.54 3.74 -11.61
CA ARG B 87 4.63 3.40 -10.70
C ARG B 87 5.72 4.46 -10.76
N ASN B 88 6.21 4.77 -11.97
CA ASN B 88 7.27 5.76 -12.10
C ASN B 88 6.83 7.12 -11.58
N ALA B 89 5.53 7.40 -11.62
CA ALA B 89 5.03 8.63 -11.02
C ALA B 89 5.15 8.58 -9.50
N LEU B 90 4.89 7.42 -8.91
CA LEU B 90 4.99 7.28 -7.46
C LEU B 90 6.43 7.18 -6.99
N LEU B 91 7.35 6.81 -7.88
CA LEU B 91 8.78 6.79 -7.57
C LEU B 91 9.48 8.10 -7.87
N SER B 92 8.75 9.10 -8.40
CA SER B 92 9.40 10.33 -8.83
C SER B 92 10.03 11.08 -7.66
N HIS B 93 9.45 10.97 -6.47
CA HIS B 93 9.95 11.66 -5.30
C HIS B 93 9.88 10.73 -4.09
N ARG B 94 10.59 11.11 -3.03
CA ARG B 94 10.68 10.26 -1.85
C ARG B 94 9.32 10.16 -1.17
N ASP B 95 8.97 8.94 -0.76
CA ASP B 95 7.64 8.65 -0.21
C ASP B 95 6.53 9.08 -1.17
N GLY B 96 6.80 8.98 -2.47
CA GLY B 96 5.83 9.42 -3.46
C GLY B 96 4.51 8.67 -3.37
N ALA B 97 4.55 7.41 -2.95
CA ALA B 97 3.32 6.65 -2.79
C ALA B 97 2.50 7.14 -1.60
N LYS B 98 3.18 7.54 -0.53
CA LYS B 98 2.46 8.02 0.67
C LYS B 98 1.76 9.34 0.38
N VAL B 99 2.44 10.28 -0.25
CA VAL B 99 1.83 11.58 -0.55
C VAL B 99 0.71 11.42 -1.57
N HIS B 100 0.88 10.50 -2.53
CA HIS B 100 -0.22 10.18 -3.44
C HIS B 100 -1.40 9.55 -2.71
N LEU B 101 -1.12 8.75 -1.68
CA LEU B 101 -2.18 8.17 -0.88
C LEU B 101 -2.96 9.25 -0.13
N GLY B 102 -4.25 9.02 0.04
CA GLY B 102 -5.07 9.95 0.79
C GLY B 102 -5.41 11.24 0.09
N THR B 103 -5.26 11.29 -1.23
CA THR B 103 -5.62 12.45 -2.03
C THR B 103 -6.83 12.08 -2.86
N ARG B 104 -7.97 12.70 -2.58
CA ARG B 104 -9.17 12.34 -3.32
C ARG B 104 -9.16 13.00 -4.70
N PRO B 105 -9.58 12.29 -5.73
CA PRO B 105 -9.20 12.64 -7.10
C PRO B 105 -9.92 13.86 -7.65
N THR B 106 -9.35 14.37 -8.74
CA THR B 106 -9.89 15.52 -9.46
C THR B 106 -11.11 15.12 -10.28
N GLU B 107 -11.73 16.13 -10.91
CA GLU B 107 -12.80 15.84 -11.85
C GLU B 107 -12.26 15.34 -13.18
N LYS B 108 -11.07 15.82 -13.57
CA LYS B 108 -10.45 15.31 -14.78
C LYS B 108 -10.08 13.84 -14.66
N GLN B 109 -9.62 13.42 -13.47
CA GLN B 109 -9.25 12.02 -13.24
C GLN B 109 -10.45 11.09 -13.34
N TYR B 110 -11.60 11.50 -12.78
CA TYR B 110 -12.80 10.70 -13.00
C TYR B 110 -13.09 10.57 -14.46
N GLU B 111 -13.23 11.71 -15.13
CA GLU B 111 -13.47 11.76 -16.55
C GLU B 111 -12.44 10.91 -17.32
N THR B 112 -11.15 10.95 -16.91
CA THR B 112 -10.14 10.10 -17.53
C THR B 112 -10.42 8.62 -17.27
N LEU B 113 -10.95 8.31 -16.08
CA LEU B 113 -11.23 6.93 -15.72
C LEU B 113 -12.41 6.39 -16.52
N GLU B 114 -13.46 7.20 -16.68
CA GLU B 114 -14.58 6.82 -17.52
C GLU B 114 -14.11 6.50 -18.93
N ASN B 115 -13.22 7.32 -19.49
CA ASN B 115 -12.64 7.00 -20.79
C ASN B 115 -11.87 5.69 -20.74
N GLN B 116 -11.10 5.48 -19.66
CA GLN B 116 -10.40 4.20 -19.48
C GLN B 116 -11.38 3.05 -19.38
N LEU B 117 -12.45 3.21 -18.61
CA LEU B 117 -13.46 2.16 -18.47
C LEU B 117 -14.08 1.82 -19.82
N ALA B 118 -14.43 2.86 -20.59
CA ALA B 118 -15.03 2.64 -21.91
C ALA B 118 -14.09 1.87 -22.82
N PHE B 119 -12.79 2.17 -22.75
CA PHE B 119 -11.81 1.51 -23.62
C PHE B 119 -11.79 0.01 -23.40
N LEU B 120 -11.75 -0.43 -22.14
CA LEU B 120 -11.70 -1.86 -21.89
C LEU B 120 -13.06 -2.52 -22.06
N THR B 121 -14.14 -1.85 -21.63
CA THR B 121 -15.49 -2.36 -21.90
C THR B 121 -15.69 -2.59 -23.39
N GLN B 122 -15.24 -1.64 -24.20
CA GLN B 122 -15.33 -1.77 -25.66
C GLN B 122 -14.51 -2.96 -26.14
N GLN B 123 -13.45 -3.32 -25.42
CA GLN B 123 -12.56 -4.42 -25.81
C GLN B 123 -13.06 -5.78 -25.31
N GLY B 124 -14.32 -5.86 -24.87
CA GLY B 124 -14.94 -7.11 -24.46
C GLY B 124 -15.15 -7.25 -22.97
N PHE B 125 -14.61 -6.36 -22.15
CA PHE B 125 -14.84 -6.43 -20.72
C PHE B 125 -16.29 -6.10 -20.39
N SER B 126 -16.80 -6.74 -19.35
CA SER B 126 -18.00 -6.23 -18.71
C SER B 126 -17.61 -5.07 -17.81
N LEU B 127 -18.53 -4.10 -17.67
CA LEU B 127 -18.23 -2.94 -16.84
C LEU B 127 -17.84 -3.36 -15.43
N GLU B 128 -18.53 -4.35 -14.88
CA GLU B 128 -18.16 -4.85 -13.55
C GLU B 128 -16.73 -5.35 -13.53
N ASN B 129 -16.38 -6.27 -14.43
CA ASN B 129 -15.02 -6.77 -14.50
C ASN B 129 -14.04 -5.69 -14.95
N ALA B 130 -14.50 -4.71 -15.74
CA ALA B 130 -13.62 -3.64 -16.18
C ALA B 130 -13.10 -2.84 -14.99
N LEU B 131 -13.99 -2.49 -14.05
CA LEU B 131 -13.60 -1.71 -12.89
C LEU B 131 -12.70 -2.51 -11.95
N TYR B 132 -13.03 -3.80 -11.76
CA TYR B 132 -12.21 -4.66 -10.92
C TYR B 132 -10.77 -4.70 -11.40
N ALA B 133 -10.57 -4.81 -12.71
CA ALA B 133 -9.22 -4.89 -13.26
C ALA B 133 -8.41 -3.64 -12.94
N LEU B 134 -9.02 -2.46 -13.12
CA LEU B 134 -8.29 -1.22 -12.92
C LEU B 134 -7.97 -0.98 -11.45
N SER B 135 -8.90 -1.32 -10.55
CA SER B 135 -8.61 -1.17 -9.13
C SER B 135 -7.51 -2.12 -8.69
N ALA B 136 -7.54 -3.36 -9.21
CA ALA B 136 -6.54 -4.34 -8.84
C ALA B 136 -5.15 -3.90 -9.27
N VAL B 137 -5.00 -3.51 -10.53
CA VAL B 137 -3.68 -3.09 -11.01
C VAL B 137 -3.22 -1.84 -10.26
N GLY B 138 -4.15 -0.94 -9.97
CA GLY B 138 -3.77 0.24 -9.21
C GLY B 138 -3.40 -0.09 -7.79
N HIS B 139 -4.22 -0.92 -7.13
CA HIS B 139 -3.93 -1.31 -5.75
C HIS B 139 -2.59 -2.01 -5.63
N PHE B 140 -2.32 -2.97 -6.52
CA PHE B 140 -1.06 -3.70 -6.45
C PHE B 140 0.11 -2.78 -6.76
N THR B 141 -0.04 -1.88 -7.73
CA THR B 141 1.02 -0.93 -8.02
C THR B 141 1.23 0.02 -6.84
N LEU B 142 0.13 0.51 -6.26
CA LEU B 142 0.24 1.36 -5.08
C LEU B 142 0.87 0.60 -3.92
N GLY B 143 0.35 -0.59 -3.63
CA GLY B 143 0.91 -1.38 -2.55
C GLY B 143 2.36 -1.76 -2.80
N SER B 144 2.70 -2.06 -4.05
CA SER B 144 4.08 -2.44 -4.37
C SER B 144 5.03 -1.28 -4.09
N VAL B 145 4.65 -0.07 -4.48
CA VAL B 145 5.53 1.08 -4.32
C VAL B 145 5.65 1.46 -2.84
N LEU B 146 4.56 1.33 -2.08
CA LEU B 146 4.60 1.67 -0.67
C LEU B 146 5.56 0.75 0.08
N GLU B 147 5.40 -0.57 -0.08
CA GLU B 147 6.31 -1.51 0.56
C GLU B 147 7.75 -1.25 0.13
N ASP B 148 7.95 -0.88 -1.13
CA ASP B 148 9.29 -0.56 -1.62
C ASP B 148 9.85 0.67 -0.92
N GLN B 149 9.07 1.75 -0.87
CA GLN B 149 9.56 3.00 -0.29
C GLN B 149 9.72 2.90 1.22
N GLU B 150 8.91 2.08 1.88
CA GLU B 150 9.06 1.90 3.32
C GLU B 150 10.33 1.10 3.65
N HIS B 151 10.63 0.08 2.86
CA HIS B 151 11.68 -0.87 3.17
C HIS B 151 13.00 -0.52 2.50
N GLN B 152 13.29 0.78 2.38
CA GLN B 152 14.57 1.23 1.87
C GLN B 152 15.27 2.20 2.82
N VAL B 153 14.60 2.63 3.89
CA VAL B 153 15.28 3.30 4.99
C VAL B 153 16.11 2.34 5.82
N ALA B 154 16.03 1.04 5.54
CA ALA B 154 16.81 0.04 6.26
C ALA B 154 18.24 -0.01 5.71
N LEU B 170 15.77 -19.27 1.47
CA LEU B 170 15.78 -17.87 1.91
C LEU B 170 17.15 -17.25 1.73
N ARG B 171 18.17 -18.01 2.15
CA ARG B 171 19.55 -17.55 2.04
C ARG B 171 19.85 -17.06 0.64
N GLN B 172 19.48 -17.86 -0.37
CA GLN B 172 19.59 -17.41 -1.75
C GLN B 172 18.54 -16.35 -2.08
N ALA B 173 17.41 -16.35 -1.38
CA ALA B 173 16.26 -15.55 -1.79
C ALA B 173 16.54 -14.05 -1.62
N ILE B 174 16.86 -13.63 -0.39
CA ILE B 174 17.10 -12.21 -0.14
C ILE B 174 18.28 -11.71 -0.96
N GLU B 175 19.26 -12.58 -1.22
CA GLU B 175 20.40 -12.22 -2.06
C GLU B 175 19.96 -11.62 -3.38
N LEU B 176 18.95 -12.24 -4.01
CA LEU B 176 18.44 -11.78 -5.30
C LEU B 176 17.39 -10.69 -5.09
N PHE B 177 17.82 -9.61 -4.45
CA PHE B 177 16.97 -8.46 -4.14
C PHE B 177 17.83 -7.34 -3.55
N GLY B 181 16.94 -6.20 -7.29
CA GLY B 181 16.07 -5.04 -7.26
C GLY B 181 14.62 -5.38 -6.98
N ALA B 182 13.82 -4.34 -6.72
CA ALA B 182 12.41 -4.51 -6.42
C ALA B 182 11.52 -4.41 -7.66
N GLU B 183 12.04 -3.83 -8.74
CA GLU B 183 11.29 -3.79 -9.99
C GLU B 183 10.90 -5.16 -10.53
N PRO B 184 11.77 -6.20 -10.53
CA PRO B 184 11.34 -7.49 -11.08
C PRO B 184 10.12 -8.08 -10.39
N ALA B 185 9.96 -7.87 -9.08
CA ALA B 185 8.74 -8.32 -8.41
C ALA B 185 7.52 -7.58 -8.94
N PHE B 186 7.66 -6.27 -9.20
CA PHE B 186 6.56 -5.50 -9.78
C PHE B 186 6.26 -5.98 -11.20
N LEU B 187 7.29 -6.13 -12.03
CA LEU B 187 7.11 -6.55 -13.41
C LEU B 187 6.49 -7.94 -13.48
N HIS B 188 7.08 -8.90 -12.78
CA HIS B 188 6.56 -10.26 -12.80
C HIS B 188 5.18 -10.33 -12.16
N GLY B 189 4.96 -9.56 -11.09
CA GLY B 189 3.67 -9.56 -10.44
C GLY B 189 2.57 -8.98 -11.30
N LEU B 190 2.86 -7.87 -11.99
CA LEU B 190 1.86 -7.24 -12.85
C LEU B 190 1.44 -8.20 -13.97
N GLU B 191 2.40 -8.92 -14.54
CA GLU B 191 2.09 -9.87 -15.58
C GLU B 191 1.25 -11.03 -15.07
N SER B 192 1.27 -11.28 -13.76
CA SER B 192 0.42 -12.31 -13.19
C SER B 192 -1.05 -11.91 -13.18
N LEU B 193 -1.34 -10.62 -13.06
CA LEU B 193 -2.74 -10.19 -13.12
C LEU B 193 -3.25 -10.16 -14.56
N ILE B 194 -2.44 -9.60 -15.47
CA ILE B 194 -2.84 -9.53 -16.87
C ILE B 194 -3.01 -10.92 -17.46
N ARG B 195 -2.02 -11.80 -17.24
CA ARG B 195 -2.16 -13.16 -17.73
C ARG B 195 -3.30 -13.87 -17.02
N GLY B 196 -3.71 -13.37 -15.85
CA GLY B 196 -4.96 -13.78 -15.26
C GLY B 196 -6.17 -13.05 -15.82
N PHE B 197 -6.00 -11.79 -16.20
CA PHE B 197 -7.08 -11.07 -16.86
C PHE B 197 -7.43 -11.70 -18.20
N GLU B 198 -6.41 -12.12 -18.94
CA GLU B 198 -6.63 -12.74 -20.25
C GLU B 198 -7.48 -14.01 -20.11
N VAL B 199 -7.04 -14.95 -19.28
CA VAL B 199 -7.76 -16.21 -19.13
C VAL B 199 -9.16 -15.96 -18.61
N GLN B 200 -9.32 -15.07 -17.63
CA GLN B 200 -10.64 -14.84 -17.05
C GLN B 200 -11.59 -14.23 -18.07
N LEU B 201 -11.10 -13.38 -18.97
CA LEU B 201 -12.00 -12.80 -19.96
C LEU B 201 -12.33 -13.77 -21.08
N THR B 202 -11.46 -14.75 -21.35
CA THR B 202 -11.76 -15.79 -22.33
C THR B 202 -12.80 -16.73 -21.69
N ALA B 203 -14.04 -16.25 -21.66
CA ALA B 203 -15.14 -17.01 -21.09
C ALA B 203 -16.45 -16.65 -21.76
#